data_4RDX
#
_entry.id   4RDX
#
_cell.length_a   84.061
_cell.length_b   159.703
_cell.length_c   123.988
_cell.angle_alpha   90.00
_cell.angle_beta   90.00
_cell.angle_gamma   90.00
#
_symmetry.space_group_name_H-M   'C 2 2 21'
#
loop_
_entity.id
_entity.type
_entity.pdbx_description
1 polymer 'Histidine--tRNA ligase'
2 polymer tRNA(his)
3 non-polymer 'ADENOSINE MONOPHOSPHATE'
4 non-polymer HISTIDINE
5 water water
#
loop_
_entity_poly.entity_id
_entity_poly.type
_entity_poly.pdbx_seq_one_letter_code
_entity_poly.pdbx_strand_id
1 'polypeptide(L)'
;GPMTARAVRGTKDLFGKELRMHQRIVATARKVLEAAGALELVTPIFEETQVFEKGVGAATDIVRKEMFTFQDRGGRSLTL
RPEGTAAMVRAYLEHGMKVWPQPVRLWMAGPMFRAERPQKGRYRQFHQVNYEALGSENPILDAEAVVLLYECLKELGLRR
LKVKLSSVGDPEDRARYNAYLREVLSPHREALSEDSKERLELNPMRILDSKSERDQALLKELGVRPMLDFLGEEARAHLK
EVERHLERLSVPYELEPALVRGLDYYVRTAFEVHHEEIGAQSALGGGGRYDGLSELLGGPRVPGVGFAFGVERVALALEA
EGFGLPEEKGPDLYLIPLTEEAVAEAFYLAEALRPRLRAEYALAPRKPAKGLEEALKRGAAFAGFLGEDELRAGEVTLKR
LATGEQVRLSREEVPGYLLQALG
;
A
2 'polyribonucleotide'
;(GTP)GUGAGCGUAGCUCAGCUGGUUAGAGCACCGGACUGUGGAUCCGGGGGUCGUGGGUUCAAGUCCCAUCGCUCACCC
CA
;
C
#
loop_
_chem_comp.id
_chem_comp.type
_chem_comp.name
_chem_comp.formula
A RNA linking ADENOSINE-5'-MONOPHOSPHATE 'C10 H14 N5 O7 P'
AMP non-polymer 'ADENOSINE MONOPHOSPHATE' 'C10 H14 N5 O7 P'
C RNA linking CYTIDINE-5'-MONOPHOSPHATE 'C9 H14 N3 O8 P'
G RNA linking GUANOSINE-5'-MONOPHOSPHATE 'C10 H14 N5 O8 P'
GTP non-polymer GUANOSINE-5'-TRIPHOSPHATE 'C10 H16 N5 O14 P3'
U RNA linking URIDINE-5'-MONOPHOSPHATE 'C9 H13 N2 O9 P'
#
# COMPACT_ATOMS: atom_id res chain seq x y z
N THR A 4 -23.33 17.17 10.45
CA THR A 4 -23.95 17.04 9.13
C THR A 4 -22.86 17.04 8.06
N ALA A 5 -21.62 17.27 8.49
CA ALA A 5 -20.45 17.22 7.61
C ALA A 5 -19.82 15.83 7.58
N ARG A 6 -19.60 15.31 6.38
CA ARG A 6 -19.09 13.96 6.21
C ARG A 6 -17.83 13.95 5.37
N ALA A 7 -17.02 12.92 5.57
CA ALA A 7 -15.88 12.65 4.69
C ALA A 7 -16.42 12.49 3.27
N VAL A 8 -15.72 13.05 2.31
CA VAL A 8 -16.21 13.04 0.93
C VAL A 8 -16.18 11.63 0.33
N ARG A 9 -16.99 11.44 -0.71
CA ARG A 9 -17.09 10.14 -1.37
C ARG A 9 -15.72 9.68 -1.86
N GLY A 10 -15.35 8.45 -1.51
CA GLY A 10 -14.08 7.90 -1.94
C GLY A 10 -12.97 8.05 -0.91
N THR A 11 -13.28 8.65 0.23
CA THR A 11 -12.30 8.79 1.31
C THR A 11 -12.89 8.35 2.65
N LYS A 12 -12.06 7.72 3.48
CA LYS A 12 -12.48 7.24 4.78
C LYS A 12 -11.49 7.59 5.86
N ASP A 13 -11.95 7.65 7.10
CA ASP A 13 -11.06 7.78 8.24
C ASP A 13 -10.48 6.39 8.54
N LEU A 14 -9.38 6.36 9.28
CA LEU A 14 -8.68 5.11 9.54
C LEU A 14 -8.26 5.01 11.00
N PHE A 15 -8.74 3.97 11.68
CA PHE A 15 -8.36 3.73 13.07
C PHE A 15 -8.68 2.31 13.50
N GLY A 16 -8.15 1.90 14.65
CA GLY A 16 -8.39 0.58 15.18
C GLY A 16 -7.62 -0.49 14.45
N LYS A 17 -8.28 -1.62 14.19
CA LYS A 17 -7.64 -2.74 13.51
C LYS A 17 -7.21 -2.45 12.07
N GLU A 18 -7.99 -1.67 11.34
CA GLU A 18 -7.65 -1.36 9.94
C GLU A 18 -6.37 -0.54 9.82
N LEU A 19 -6.25 0.50 10.64
CA LEU A 19 -5.04 1.32 10.68
C LEU A 19 -3.81 0.49 11.06
N ARG A 20 -3.96 -0.32 12.12
CA ARG A 20 -2.90 -1.23 12.55
C ARG A 20 -2.51 -2.15 11.40
N MET A 21 -3.53 -2.52 10.61
CA MET A 21 -3.35 -3.36 9.44
C MET A 21 -2.42 -2.69 8.44
N HIS A 22 -2.79 -1.48 8.03
CA HIS A 22 -1.99 -0.66 7.14
C HIS A 22 -0.54 -0.52 7.62
N GLN A 23 -0.40 -0.20 8.90
CA GLN A 23 0.91 -0.03 9.53
C GLN A 23 1.79 -1.28 9.48
N ARG A 24 1.20 -2.44 9.79
CA ARG A 24 1.91 -3.72 9.70
C ARG A 24 2.39 -3.97 8.27
N ILE A 25 1.51 -3.72 7.31
CA ILE A 25 1.84 -3.89 5.90
C ILE A 25 3.03 -3.02 5.46
N VAL A 26 2.96 -1.73 5.79
CA VAL A 26 4.03 -0.80 5.42
C VAL A 26 5.34 -1.15 6.13
N ALA A 27 5.25 -1.59 7.38
CA ALA A 27 6.44 -2.01 8.13
C ALA A 27 7.14 -3.17 7.42
N THR A 28 6.36 -4.19 7.05
CA THR A 28 6.88 -5.33 6.32
C THR A 28 7.51 -4.93 4.98
N ALA A 29 6.84 -4.04 4.24
CA ALA A 29 7.40 -3.52 3.00
C ALA A 29 8.74 -2.82 3.24
N ARG A 30 8.80 -2.00 4.27
CA ARG A 30 10.03 -1.29 4.65
C ARG A 30 11.15 -2.28 4.86
N LYS A 31 10.88 -3.30 5.68
CA LYS A 31 11.84 -4.37 5.94
C LYS A 31 12.36 -5.04 4.66
N VAL A 32 11.42 -5.58 3.88
CA VAL A 32 11.77 -6.33 2.68
C VAL A 32 12.58 -5.50 1.70
N LEU A 33 12.08 -4.31 1.37
CA LEU A 33 12.73 -3.45 0.40
C LEU A 33 14.09 -2.94 0.88
N GLU A 34 14.18 -2.57 2.16
CA GLU A 34 15.45 -2.07 2.69
C GLU A 34 16.49 -3.17 2.82
N ALA A 35 16.04 -4.42 2.96
CA ALA A 35 16.97 -5.56 2.91
C ALA A 35 17.61 -5.69 1.53
N ALA A 36 16.97 -5.12 0.52
CA ALA A 36 17.52 -5.12 -0.84
C ALA A 36 18.24 -3.81 -1.15
N GLY A 37 18.41 -2.98 -0.13
CA GLY A 37 19.19 -1.76 -0.25
C GLY A 37 18.44 -0.57 -0.81
N ALA A 38 17.11 -0.61 -0.72
CA ALA A 38 16.29 0.52 -1.16
C ALA A 38 16.36 1.66 -0.15
N LEU A 39 16.23 2.89 -0.61
CA LEU A 39 16.28 4.05 0.26
C LEU A 39 14.92 4.73 0.32
N GLU A 40 14.45 5.05 1.52
CA GLU A 40 13.11 5.64 1.64
C GLU A 40 13.06 7.11 1.22
N LEU A 41 12.00 7.45 0.49
CA LEU A 41 11.79 8.79 -0.04
C LEU A 41 10.36 9.19 0.32
N VAL A 42 10.16 10.48 0.61
CA VAL A 42 8.81 11.02 0.72
C VAL A 42 8.72 12.30 -0.11
N THR A 43 7.86 12.27 -1.12
CA THR A 43 7.68 13.41 -2.00
C THR A 43 6.41 14.15 -1.58
N PRO A 44 6.25 15.41 -2.03
CA PRO A 44 5.08 16.19 -1.60
C PRO A 44 3.75 15.61 -2.10
N ILE A 45 2.65 16.05 -1.50
CA ILE A 45 1.33 15.54 -1.84
C ILE A 45 0.85 16.07 -3.19
N PHE A 46 1.21 17.31 -3.51
CA PHE A 46 0.95 17.84 -4.85
C PHE A 46 2.24 18.15 -5.59
N GLU A 47 2.18 18.09 -6.91
CA GLU A 47 3.31 18.50 -7.74
C GLU A 47 2.79 19.45 -8.79
N GLU A 48 3.68 20.10 -9.54
CA GLU A 48 3.23 20.88 -10.68
C GLU A 48 2.59 19.91 -11.67
N THR A 49 1.52 20.35 -12.33
CA THR A 49 0.72 19.48 -13.20
C THR A 49 1.55 18.75 -14.27
N GLN A 50 2.54 19.46 -14.81
CA GLN A 50 3.38 18.96 -15.89
C GLN A 50 3.99 17.57 -15.65
N VAL A 51 4.37 17.30 -14.41
CA VAL A 51 5.02 16.03 -14.06
C VAL A 51 4.10 14.81 -14.17
N PHE A 52 2.79 15.03 -14.19
CA PHE A 52 1.82 13.93 -14.22
C PHE A 52 1.03 13.78 -15.53
N GLU A 53 1.07 14.79 -16.39
CA GLU A 53 0.44 14.67 -17.71
C GLU A 53 1.46 14.20 -18.75
N LYS A 54 1.38 12.92 -19.09
CA LYS A 54 2.34 12.32 -20.00
C LYS A 54 1.67 11.70 -21.22
N GLU A 66 -9.88 13.14 -14.46
CA GLU A 66 -9.37 11.85 -14.04
C GLU A 66 -8.31 11.99 -12.94
N MET A 67 -7.95 13.23 -12.64
CA MET A 67 -7.05 13.53 -11.54
C MET A 67 -7.42 14.85 -10.87
N PHE A 68 -7.03 15.00 -9.60
CA PHE A 68 -7.35 16.20 -8.86
C PHE A 68 -6.39 17.35 -9.19
N THR A 69 -6.90 18.33 -9.93
CA THR A 69 -6.09 19.41 -10.45
C THR A 69 -6.65 20.76 -10.03
N PHE A 70 -5.78 21.69 -9.65
CA PHE A 70 -6.23 23.04 -9.34
C PHE A 70 -5.19 24.12 -9.64
N GLN A 71 -5.45 25.31 -9.12
CA GLN A 71 -4.55 26.45 -9.27
C GLN A 71 -4.37 27.17 -7.93
N ASP A 72 -3.11 27.44 -7.57
CA ASP A 72 -2.85 28.33 -6.44
C ASP A 72 -3.09 29.77 -6.90
N ARG A 73 -2.94 30.73 -5.98
CA ARG A 73 -3.16 32.13 -6.34
C ARG A 73 -2.14 32.63 -7.38
N GLY A 74 -0.96 32.01 -7.38
CA GLY A 74 0.08 32.38 -8.32
C GLY A 74 -0.25 32.00 -9.76
N GLY A 75 -1.33 31.24 -9.94
CA GLY A 75 -1.78 30.86 -11.27
C GLY A 75 -1.27 29.51 -11.73
N ARG A 76 -0.30 28.96 -11.00
CA ARG A 76 0.31 27.70 -11.38
C ARG A 76 -0.63 26.52 -11.19
N SER A 77 -0.67 25.63 -12.18
CA SER A 77 -1.49 24.44 -12.11
C SER A 77 -0.80 23.34 -11.30
N LEU A 78 -1.48 22.89 -10.25
CA LEU A 78 -0.97 21.83 -9.39
C LEU A 78 -1.85 20.61 -9.51
N THR A 79 -1.28 19.46 -9.21
CA THR A 79 -2.01 18.20 -9.25
C THR A 79 -1.72 17.38 -7.99
N LEU A 80 -2.80 16.96 -7.33
CA LEU A 80 -2.71 15.99 -6.26
C LEU A 80 -2.19 14.69 -6.84
N ARG A 81 -1.09 14.21 -6.25
CA ARG A 81 -0.37 13.01 -6.68
C ARG A 81 -1.31 11.85 -7.02
N PRO A 82 -1.33 11.42 -8.29
CA PRO A 82 -2.12 10.24 -8.69
C PRO A 82 -1.27 8.96 -8.74
N GLU A 83 0.04 9.11 -8.88
CA GLU A 83 0.95 7.97 -8.94
C GLU A 83 2.30 8.30 -8.29
N GLY A 84 3.07 7.26 -7.96
CA GLY A 84 4.34 7.45 -7.31
C GLY A 84 5.52 7.65 -8.25
N THR A 85 5.61 6.77 -9.24
CA THR A 85 6.78 6.66 -10.14
C THR A 85 7.36 7.98 -10.67
N ALA A 86 6.51 8.75 -11.34
CA ALA A 86 6.95 10.02 -11.92
C ALA A 86 7.52 10.95 -10.86
N ALA A 87 6.90 10.98 -9.69
CA ALA A 87 7.36 11.82 -8.60
C ALA A 87 8.74 11.39 -8.12
N MET A 88 8.97 10.09 -8.07
CA MET A 88 10.27 9.57 -7.63
C MET A 88 11.36 9.81 -8.67
N VAL A 89 11.00 9.80 -9.94
CA VAL A 89 11.96 10.17 -10.98
C VAL A 89 12.30 11.65 -10.91
N ARG A 90 11.28 12.47 -10.64
CA ARG A 90 11.50 13.90 -10.44
C ARG A 90 12.45 14.12 -9.26
N ALA A 91 12.30 13.31 -8.22
CA ALA A 91 13.20 13.36 -7.06
C ALA A 91 14.61 12.94 -7.46
N TYR A 92 14.71 11.93 -8.31
CA TYR A 92 16.00 11.49 -8.84
C TYR A 92 16.70 12.65 -9.55
N LEU A 93 15.96 13.38 -10.37
CA LEU A 93 16.53 14.50 -11.12
C LEU A 93 16.92 15.66 -10.21
N GLU A 94 15.99 16.05 -9.33
CA GLU A 94 16.17 17.24 -8.50
C GLU A 94 17.34 17.16 -7.54
N HIS A 95 17.56 15.99 -6.96
CA HIS A 95 18.60 15.84 -5.94
C HIS A 95 19.92 15.33 -6.50
N GLY A 96 20.06 15.33 -7.82
CA GLY A 96 21.31 14.96 -8.46
C GLY A 96 21.77 13.54 -8.12
N MET A 97 20.85 12.59 -8.26
CA MET A 97 21.14 11.20 -7.91
C MET A 97 21.94 10.49 -8.99
N LYS A 98 22.16 11.18 -10.11
CA LYS A 98 22.97 10.63 -11.20
C LYS A 98 24.42 10.43 -10.75
N VAL A 99 24.81 11.09 -9.67
CA VAL A 99 26.17 11.00 -9.15
C VAL A 99 26.34 9.98 -8.03
N TRP A 100 25.23 9.36 -7.62
CA TRP A 100 25.27 8.25 -6.68
C TRP A 100 25.66 6.99 -7.45
N PRO A 101 26.21 5.98 -6.75
CA PRO A 101 26.43 4.67 -7.39
C PRO A 101 25.14 4.10 -7.96
N GLN A 102 25.13 3.85 -9.26
CA GLN A 102 23.98 3.30 -9.95
C GLN A 102 24.01 1.78 -9.83
N PRO A 103 22.82 1.13 -9.82
CA PRO A 103 21.51 1.78 -9.85
C PRO A 103 21.14 2.28 -8.46
N VAL A 104 20.25 3.27 -8.38
CA VAL A 104 19.76 3.72 -7.10
C VAL A 104 18.35 3.17 -6.88
N ARG A 105 18.14 2.57 -5.72
CA ARG A 105 16.85 1.99 -5.38
C ARG A 105 16.12 2.85 -4.35
N LEU A 106 14.90 3.23 -4.68
CA LEU A 106 14.09 4.10 -3.84
C LEU A 106 12.78 3.42 -3.53
N TRP A 107 12.23 3.67 -2.34
CA TRP A 107 10.88 3.23 -2.05
C TRP A 107 10.11 4.29 -1.28
N MET A 108 8.79 4.25 -1.38
CA MET A 108 7.95 5.28 -0.79
C MET A 108 6.60 4.69 -0.41
N ALA A 109 6.04 5.13 0.70
CA ALA A 109 4.71 4.69 1.07
C ALA A 109 3.84 5.88 1.43
N GLY A 110 2.70 6.00 0.78
CA GLY A 110 1.86 7.18 1.01
C GLY A 110 0.59 7.29 0.19
N PRO A 111 -0.21 8.33 0.49
CA PRO A 111 -1.48 8.61 -0.20
C PRO A 111 -1.35 8.95 -1.66
N MET A 112 -2.29 8.42 -2.44
CA MET A 112 -2.42 8.68 -3.86
C MET A 112 -3.88 9.07 -4.09
N PHE A 113 -4.13 9.88 -5.11
CA PHE A 113 -5.44 10.46 -5.34
C PHE A 113 -5.89 10.32 -6.79
N ARG A 114 -7.05 9.70 -7.00
CA ARG A 114 -7.61 9.57 -8.35
C ARG A 114 -9.11 9.87 -8.35
N ALA A 115 -9.66 10.20 -9.51
CA ALA A 115 -11.00 10.75 -9.59
C ALA A 115 -12.03 9.83 -10.24
N GLU A 116 -11.77 8.52 -10.21
CA GLU A 116 -12.71 7.56 -10.76
C GLU A 116 -13.69 7.04 -9.71
N ARG A 117 -14.86 6.64 -10.18
CA ARG A 117 -15.94 6.19 -9.31
C ARG A 117 -15.53 4.99 -8.47
N PRO A 118 -15.81 5.05 -7.16
CA PRO A 118 -15.39 3.97 -6.27
C PRO A 118 -16.18 2.68 -6.48
N GLN A 119 -15.62 1.61 -5.91
CA GLN A 119 -16.23 0.29 -5.84
C GLN A 119 -15.24 -0.46 -4.95
N LYS A 120 -15.42 -1.77 -4.80
CA LYS A 120 -14.55 -2.53 -3.90
C LYS A 120 -13.06 -2.41 -4.27
N GLY A 121 -12.24 -2.11 -3.27
CA GLY A 121 -10.81 -1.99 -3.46
C GLY A 121 -10.37 -0.83 -4.34
N ARG A 122 -11.28 0.10 -4.60
CA ARG A 122 -10.97 1.25 -5.46
C ARG A 122 -11.55 2.52 -4.86
N TYR A 123 -10.66 3.40 -4.40
CA TYR A 123 -11.09 4.61 -3.72
C TYR A 123 -10.52 5.85 -4.39
N ARG A 124 -10.89 7.03 -3.88
CA ARG A 124 -10.43 8.29 -4.45
C ARG A 124 -9.18 8.79 -3.73
N GLN A 125 -9.09 8.47 -2.45
CA GLN A 125 -7.80 8.56 -1.75
C GLN A 125 -7.43 7.18 -1.25
N PHE A 126 -6.30 6.67 -1.72
CA PHE A 126 -5.86 5.34 -1.32
C PHE A 126 -4.39 5.39 -0.94
N HIS A 127 -3.83 4.28 -0.50
CA HIS A 127 -2.42 4.28 -0.10
C HIS A 127 -1.59 3.28 -0.88
N GLN A 128 -0.41 3.72 -1.29
CA GLN A 128 0.44 2.90 -2.15
C GLN A 128 1.83 2.70 -1.56
N VAL A 129 2.42 1.56 -1.88
CA VAL A 129 3.85 1.36 -1.68
C VAL A 129 4.50 1.26 -3.05
N ASN A 130 5.56 2.03 -3.24
CA ASN A 130 6.25 2.14 -4.51
C ASN A 130 7.72 1.79 -4.36
N TYR A 131 8.25 1.13 -5.38
CA TYR A 131 9.66 0.80 -5.47
C TYR A 131 10.16 1.17 -6.85
N GLU A 132 11.31 1.81 -6.93
CA GLU A 132 11.96 2.11 -8.21
C GLU A 132 13.45 1.80 -8.18
N ALA A 133 13.93 1.16 -9.23
CA ALA A 133 15.35 1.00 -9.48
C ALA A 133 15.67 1.82 -10.71
N LEU A 134 16.51 2.83 -10.52
CA LEU A 134 16.81 3.80 -11.56
C LEU A 134 18.28 3.81 -11.93
N GLY A 135 18.55 3.97 -13.23
CA GLY A 135 19.91 4.15 -13.69
C GLY A 135 20.54 2.96 -14.41
N SER A 136 19.73 1.95 -14.70
CA SER A 136 20.26 0.77 -15.37
C SER A 136 19.22 -0.01 -16.19
N GLU A 137 19.70 -0.67 -17.24
CA GLU A 137 18.86 -1.42 -18.20
C GLU A 137 18.91 -2.93 -17.94
N ASN A 138 19.83 -3.35 -17.07
CA ASN A 138 20.03 -4.76 -16.73
C ASN A 138 18.75 -5.49 -16.32
N PRO A 139 18.46 -6.65 -16.96
CA PRO A 139 17.27 -7.46 -16.70
C PRO A 139 17.19 -7.97 -15.25
N ILE A 140 18.37 -8.13 -14.64
CA ILE A 140 18.47 -8.56 -13.25
C ILE A 140 17.63 -7.68 -12.35
N LEU A 141 17.63 -6.38 -12.64
CA LEU A 141 16.80 -5.42 -11.91
C LEU A 141 15.30 -5.75 -12.03
N ASP A 142 14.87 -6.15 -13.23
CA ASP A 142 13.47 -6.50 -13.47
C ASP A 142 13.09 -7.74 -12.66
N ALA A 143 13.91 -8.78 -12.79
CA ALA A 143 13.73 -9.99 -11.99
C ALA A 143 13.66 -9.67 -10.50
N GLU A 144 14.52 -8.76 -10.06
CA GLU A 144 14.61 -8.36 -8.65
C GLU A 144 13.35 -7.65 -8.20
N ALA A 145 12.80 -6.81 -9.08
CA ALA A 145 11.59 -6.06 -8.76
C ALA A 145 10.43 -7.02 -8.57
N VAL A 146 10.28 -7.94 -9.52
CA VAL A 146 9.25 -8.98 -9.41
C VAL A 146 9.40 -9.73 -8.08
N VAL A 147 10.62 -10.18 -7.80
CA VAL A 147 10.88 -10.92 -6.56
C VAL A 147 10.54 -10.12 -5.31
N LEU A 148 10.87 -8.84 -5.31
CA LEU A 148 10.60 -7.95 -4.17
C LEU A 148 9.10 -7.78 -3.92
N LEU A 149 8.32 -7.59 -5.00
CA LEU A 149 6.86 -7.50 -4.86
C LEU A 149 6.32 -8.81 -4.26
N TYR A 150 6.62 -9.89 -4.97
CA TYR A 150 6.27 -11.24 -4.54
C TYR A 150 6.57 -11.48 -3.06
N GLU A 151 7.74 -11.02 -2.62
CA GLU A 151 8.24 -11.27 -1.27
C GLU A 151 7.64 -10.36 -0.21
N CYS A 152 7.28 -9.13 -0.60
CA CYS A 152 6.53 -8.27 0.30
C CYS A 152 5.23 -9.00 0.63
N LEU A 153 4.48 -9.34 -0.41
CA LEU A 153 3.19 -10.00 -0.20
C LEU A 153 3.32 -11.33 0.57
N LYS A 154 4.34 -12.11 0.22
CA LYS A 154 4.62 -13.38 0.89
C LYS A 154 4.97 -13.22 2.37
N GLU A 155 5.86 -12.29 2.66
CA GLU A 155 6.29 -11.99 4.02
C GLU A 155 5.12 -11.56 4.88
N LEU A 156 4.15 -10.86 4.28
CA LEU A 156 2.91 -10.58 5.00
C LEU A 156 2.24 -11.88 5.48
N GLY A 157 2.30 -12.92 4.67
CA GLY A 157 1.77 -14.22 5.05
C GLY A 157 0.94 -14.82 3.92
N LEU A 158 0.69 -14.00 2.91
CA LEU A 158 -0.14 -14.42 1.79
C LEU A 158 0.42 -15.61 1.02
N ARG A 159 -0.40 -16.64 0.88
CA ARG A 159 -0.22 -17.65 -0.13
C ARG A 159 -1.29 -17.31 -1.16
N ARG A 160 -1.49 -18.17 -2.15
CA ARG A 160 -2.57 -17.96 -3.12
C ARG A 160 -2.46 -16.64 -3.88
N LEU A 161 -1.34 -16.43 -4.56
CA LEU A 161 -1.14 -15.22 -5.36
C LEU A 161 -0.90 -15.62 -6.81
N LYS A 162 -1.30 -14.78 -7.76
CA LYS A 162 -0.95 -15.05 -9.15
C LYS A 162 -0.04 -13.99 -9.75
N VAL A 163 1.21 -14.36 -10.02
CA VAL A 163 2.15 -13.48 -10.69
C VAL A 163 1.98 -13.54 -12.20
N LYS A 164 1.66 -12.41 -12.81
CA LYS A 164 1.55 -12.30 -14.25
C LYS A 164 2.75 -11.54 -14.80
N LEU A 165 3.37 -12.09 -15.83
CA LEU A 165 4.52 -11.46 -16.48
C LEU A 165 4.32 -11.37 -17.98
N SER A 166 4.77 -10.27 -18.57
CA SER A 166 4.75 -10.10 -20.02
C SER A 166 5.65 -8.95 -20.44
N SER A 167 5.54 -8.55 -21.71
CA SER A 167 6.32 -7.45 -22.24
C SER A 167 5.48 -6.61 -23.20
N VAL A 168 5.56 -5.29 -23.05
CA VAL A 168 4.87 -4.37 -23.95
C VAL A 168 5.75 -4.07 -25.15
N GLY A 169 6.97 -4.60 -25.13
CA GLY A 169 7.92 -4.41 -26.20
C GLY A 169 8.47 -2.99 -26.26
N ASP A 170 9.31 -2.74 -27.26
CA ASP A 170 9.80 -1.39 -27.53
C ASP A 170 8.77 -0.71 -28.45
N PRO A 171 8.77 0.63 -28.51
CA PRO A 171 7.73 1.38 -29.24
C PRO A 171 7.39 0.85 -30.63
N GLU A 172 8.40 0.50 -31.41
CA GLU A 172 8.20 -0.03 -32.76
C GLU A 172 7.32 -1.28 -32.71
N ASP A 173 7.58 -2.13 -31.73
CA ASP A 173 6.83 -3.38 -31.55
C ASP A 173 5.35 -3.11 -31.29
N ARG A 174 5.07 -2.20 -30.36
CA ARG A 174 3.69 -1.84 -30.02
C ARG A 174 2.98 -1.21 -31.21
N ALA A 175 3.72 -0.42 -31.99
CA ALA A 175 3.18 0.19 -33.20
C ALA A 175 2.76 -0.90 -34.19
N ARG A 176 3.64 -1.88 -34.36
CA ARG A 176 3.34 -3.05 -35.20
C ARG A 176 2.09 -3.76 -34.74
N TYR A 177 2.01 -4.05 -33.44
CA TYR A 177 0.89 -4.78 -32.89
C TYR A 177 -0.43 -4.02 -33.06
N ASN A 178 -0.38 -2.71 -32.88
CA ASN A 178 -1.56 -1.87 -33.09
C ASN A 178 -2.02 -1.83 -34.55
N ALA A 179 -1.09 -1.62 -35.47
CA ALA A 179 -1.39 -1.65 -36.91
C ALA A 179 -2.00 -3.00 -37.31
N TYR A 180 -1.49 -4.07 -36.70
CA TYR A 180 -1.97 -5.42 -36.98
C TYR A 180 -3.38 -5.65 -36.43
N LEU A 181 -3.61 -5.24 -35.19
CA LEU A 181 -4.93 -5.36 -34.56
C LEU A 181 -5.98 -4.60 -35.35
N ARG A 182 -5.63 -3.38 -35.76
CA ARG A 182 -6.52 -2.57 -36.59
C ARG A 182 -6.79 -3.26 -37.93
N GLU A 183 -5.72 -3.69 -38.59
CA GLU A 183 -5.83 -4.37 -39.88
C GLU A 183 -6.79 -5.57 -39.82
N VAL A 184 -6.64 -6.38 -38.79
CA VAL A 184 -7.48 -7.58 -38.66
C VAL A 184 -8.92 -7.26 -38.27
N LEU A 185 -9.08 -6.37 -37.30
CA LEU A 185 -10.39 -6.13 -36.68
C LEU A 185 -11.32 -5.18 -37.45
N SER A 186 -10.74 -4.29 -38.25
CA SER A 186 -11.54 -3.30 -38.99
C SER A 186 -12.65 -3.82 -39.93
N PRO A 187 -12.40 -4.93 -40.67
CA PRO A 187 -13.49 -5.41 -41.53
C PRO A 187 -14.62 -6.10 -40.75
N HIS A 188 -14.44 -6.29 -39.45
CA HIS A 188 -15.44 -6.94 -38.62
C HIS A 188 -15.87 -6.05 -37.46
N ARG A 189 -15.88 -4.73 -37.68
CA ARG A 189 -16.20 -3.79 -36.62
C ARG A 189 -17.66 -3.90 -36.17
N GLU A 190 -18.54 -4.27 -37.09
CA GLU A 190 -19.96 -4.40 -36.78
C GLU A 190 -20.21 -5.57 -35.83
N ALA A 191 -19.27 -6.49 -35.78
CA ALA A 191 -19.38 -7.62 -34.87
C ALA A 191 -18.94 -7.22 -33.45
N LEU A 192 -18.23 -6.11 -33.35
CA LEU A 192 -17.74 -5.62 -32.07
C LEU A 192 -18.81 -4.91 -31.27
N SER A 193 -18.72 -5.00 -29.94
CA SER A 193 -19.59 -4.22 -29.07
C SER A 193 -19.16 -2.76 -29.13
N GLU A 194 -19.96 -1.87 -28.55
CA GLU A 194 -19.73 -0.43 -28.64
C GLU A 194 -18.38 -0.01 -28.05
N ASP A 195 -18.13 -0.45 -26.82
CA ASP A 195 -16.87 -0.17 -26.13
C ASP A 195 -15.67 -0.52 -27.02
N SER A 196 -15.68 -1.74 -27.56
CA SER A 196 -14.62 -2.22 -28.43
C SER A 196 -14.48 -1.44 -29.74
N LYS A 197 -15.58 -0.86 -30.21
CA LYS A 197 -15.52 0.01 -31.38
C LYS A 197 -14.75 1.28 -31.03
N GLU A 198 -15.16 1.93 -29.94
CA GLU A 198 -14.47 3.11 -29.44
C GLU A 198 -12.97 2.82 -29.28
N ARG A 199 -12.68 1.65 -28.71
CA ARG A 199 -11.29 1.23 -28.50
C ARG A 199 -10.56 1.04 -29.82
N LEU A 200 -11.25 0.46 -30.80
CA LEU A 200 -10.66 0.22 -32.11
C LEU A 200 -10.26 1.53 -32.76
N GLU A 201 -11.02 2.58 -32.47
CA GLU A 201 -10.68 3.90 -33.02
C GLU A 201 -9.32 4.43 -32.56
N LEU A 202 -8.90 4.12 -31.34
CA LEU A 202 -7.68 4.72 -30.78
C LEU A 202 -6.85 3.77 -29.91
N ASN A 203 -7.52 2.89 -29.16
CA ASN A 203 -6.84 2.05 -28.17
C ASN A 203 -7.10 0.55 -28.40
N PRO A 204 -6.63 0.02 -29.54
CA PRO A 204 -7.01 -1.33 -29.98
C PRO A 204 -6.61 -2.47 -29.04
N MET A 205 -5.55 -2.29 -28.26
CA MET A 205 -5.08 -3.37 -27.39
C MET A 205 -6.00 -3.58 -26.20
N ARG A 206 -6.89 -2.63 -25.96
CA ARG A 206 -7.88 -2.76 -24.89
C ARG A 206 -8.96 -3.76 -25.26
N ILE A 207 -9.16 -3.94 -26.56
CA ILE A 207 -10.10 -4.93 -27.09
C ILE A 207 -9.75 -6.33 -26.60
N LEU A 208 -8.46 -6.62 -26.52
CA LEU A 208 -7.96 -7.90 -26.04
C LEU A 208 -8.44 -8.24 -24.63
N ASP A 209 -8.64 -7.22 -23.81
CA ASP A 209 -9.04 -7.43 -22.42
C ASP A 209 -10.54 -7.26 -22.19
N SER A 210 -11.29 -7.10 -23.28
CA SER A 210 -12.74 -6.89 -23.20
C SER A 210 -13.45 -7.94 -22.36
N LYS A 211 -14.44 -7.51 -21.60
CA LYS A 211 -15.21 -8.41 -20.75
C LYS A 211 -16.45 -8.91 -21.47
N SER A 212 -16.65 -8.41 -22.69
CA SER A 212 -17.75 -8.84 -23.55
C SER A 212 -17.48 -10.21 -24.16
N GLU A 213 -18.41 -11.13 -23.94
CA GLU A 213 -18.27 -12.52 -24.39
C GLU A 213 -18.16 -12.64 -25.91
N ARG A 214 -18.96 -11.84 -26.62
CA ARG A 214 -18.93 -11.83 -28.08
C ARG A 214 -17.57 -11.40 -28.62
N ASP A 215 -16.96 -10.42 -27.96
CA ASP A 215 -15.63 -9.94 -28.35
C ASP A 215 -14.58 -11.04 -28.21
N GLN A 216 -14.60 -11.73 -27.07
CA GLN A 216 -13.67 -12.82 -26.82
C GLN A 216 -13.87 -13.95 -27.83
N ALA A 217 -15.13 -14.22 -28.15
CA ALA A 217 -15.47 -15.22 -29.15
C ALA A 217 -14.88 -14.85 -30.52
N LEU A 218 -15.06 -13.60 -30.92
CA LEU A 218 -14.55 -13.12 -32.20
C LEU A 218 -13.03 -13.17 -32.25
N LEU A 219 -12.39 -12.77 -31.15
CA LEU A 219 -10.94 -12.85 -31.04
C LEU A 219 -10.48 -14.28 -31.21
N LYS A 220 -11.20 -15.20 -30.59
CA LYS A 220 -10.91 -16.63 -30.71
C LYS A 220 -11.00 -17.08 -32.17
N GLU A 221 -12.11 -16.79 -32.83
CA GLU A 221 -12.35 -17.31 -34.18
C GLU A 221 -11.51 -16.63 -35.27
N LEU A 222 -11.05 -15.41 -35.02
CA LEU A 222 -10.18 -14.73 -35.98
C LEU A 222 -8.73 -15.14 -35.79
N GLY A 223 -8.47 -15.92 -34.74
CA GLY A 223 -7.15 -16.44 -34.46
C GLY A 223 -6.10 -15.38 -34.19
N VAL A 224 -6.54 -14.26 -33.62
CA VAL A 224 -5.67 -13.11 -33.31
C VAL A 224 -4.40 -13.54 -32.57
N ARG A 225 -3.25 -13.08 -33.06
CA ARG A 225 -1.98 -13.43 -32.47
C ARG A 225 -1.71 -12.56 -31.24
N PRO A 226 -0.93 -13.10 -30.28
CA PRO A 226 -0.61 -12.36 -29.05
C PRO A 226 0.43 -11.27 -29.28
N MET A 227 0.56 -10.35 -28.32
CA MET A 227 1.59 -9.32 -28.38
C MET A 227 2.97 -9.98 -28.34
N LEU A 228 3.04 -11.15 -27.74
CA LEU A 228 4.28 -11.92 -27.63
C LEU A 228 4.94 -12.14 -28.98
N ASP A 229 4.12 -12.36 -30.01
CA ASP A 229 4.61 -12.65 -31.35
C ASP A 229 5.14 -11.41 -32.06
N PHE A 230 5.05 -10.26 -31.40
CA PHE A 230 5.42 -9.00 -32.03
C PHE A 230 6.59 -8.31 -31.34
N LEU A 231 7.26 -9.03 -30.45
CA LEU A 231 8.46 -8.49 -29.80
C LEU A 231 9.68 -8.59 -30.72
N GLY A 232 10.36 -7.47 -30.93
CA GLY A 232 11.59 -7.46 -31.69
C GLY A 232 12.71 -8.19 -30.94
N GLU A 233 13.86 -8.33 -31.59
CA GLU A 233 14.98 -9.09 -31.03
C GLU A 233 15.46 -8.61 -29.65
N GLU A 234 15.62 -7.30 -29.49
CA GLU A 234 16.11 -6.71 -28.24
C GLU A 234 15.16 -6.95 -27.05
N ALA A 235 13.91 -6.53 -27.21
CA ALA A 235 12.88 -6.71 -26.18
C ALA A 235 12.71 -8.18 -25.81
N ARG A 236 12.70 -9.03 -26.83
CA ARG A 236 12.56 -10.48 -26.65
C ARG A 236 13.72 -11.09 -25.87
N ALA A 237 14.95 -10.77 -26.24
CA ALA A 237 16.12 -11.29 -25.54
C ALA A 237 16.15 -10.82 -24.09
N HIS A 238 15.78 -9.55 -23.89
CA HIS A 238 15.67 -8.99 -22.54
C HIS A 238 14.68 -9.80 -21.70
N LEU A 239 13.50 -10.02 -22.26
CA LEU A 239 12.47 -10.82 -21.59
C LEU A 239 12.97 -12.21 -21.25
N LYS A 240 13.70 -12.83 -22.18
CA LYS A 240 14.26 -14.16 -21.95
C LYS A 240 15.25 -14.17 -20.80
N GLU A 241 16.04 -13.10 -20.68
CA GLU A 241 16.93 -12.97 -19.53
C GLU A 241 16.15 -12.88 -18.21
N VAL A 242 15.13 -12.03 -18.18
CA VAL A 242 14.27 -11.91 -17.00
C VAL A 242 13.67 -13.26 -16.60
N GLU A 243 13.04 -13.93 -17.57
CA GLU A 243 12.44 -15.24 -17.35
C GLU A 243 13.47 -16.24 -16.82
N ARG A 244 14.68 -16.20 -17.39
CA ARG A 244 15.75 -17.08 -16.97
C ARG A 244 16.07 -16.88 -15.48
N HIS A 245 16.14 -15.61 -15.08
CA HIS A 245 16.41 -15.30 -13.67
C HIS A 245 15.28 -15.78 -12.76
N LEU A 246 14.04 -15.49 -13.12
CA LEU A 246 12.90 -15.95 -12.34
C LEU A 246 12.86 -17.48 -12.24
N GLU A 247 13.26 -18.16 -13.30
CA GLU A 247 13.26 -19.61 -13.33
C GLU A 247 14.35 -20.19 -12.42
N ARG A 248 15.49 -19.51 -12.39
CA ARG A 248 16.56 -19.93 -11.48
C ARG A 248 16.12 -19.81 -10.02
N LEU A 249 15.36 -18.77 -9.71
CA LEU A 249 14.95 -18.51 -8.34
C LEU A 249 13.64 -19.22 -8.00
N SER A 250 13.22 -20.09 -8.92
CA SER A 250 11.98 -20.86 -8.77
C SER A 250 10.76 -19.98 -8.53
N VAL A 251 10.73 -18.82 -9.15
CA VAL A 251 9.56 -17.94 -9.03
C VAL A 251 8.56 -18.26 -10.13
N PRO A 252 7.44 -18.91 -9.76
CA PRO A 252 6.43 -19.24 -10.76
C PRO A 252 5.70 -17.98 -11.19
N TYR A 253 5.38 -17.90 -12.48
CA TYR A 253 4.71 -16.74 -13.03
C TYR A 253 3.93 -17.17 -14.24
N GLU A 254 2.74 -16.62 -14.41
CA GLU A 254 1.96 -16.87 -15.61
C GLU A 254 2.48 -15.99 -16.73
N LEU A 255 2.89 -16.61 -17.82
CA LEU A 255 3.33 -15.85 -19.00
C LEU A 255 2.10 -15.39 -19.79
N GLU A 256 1.94 -14.08 -19.89
CA GLU A 256 0.74 -13.50 -20.48
C GLU A 256 0.94 -13.12 -21.94
N PRO A 257 -0.06 -13.44 -22.79
CA PRO A 257 -0.14 -13.00 -24.18
C PRO A 257 0.11 -11.51 -24.29
N ALA A 258 -0.49 -10.75 -23.38
CA ALA A 258 -0.27 -9.31 -23.33
C ALA A 258 -0.63 -8.75 -21.96
N LEU A 259 0.16 -7.79 -21.50
CA LEU A 259 -0.18 -6.99 -20.32
C LEU A 259 -0.23 -5.53 -20.75
N VAL A 260 -1.41 -5.08 -21.15
CA VAL A 260 -1.58 -3.74 -21.72
C VAL A 260 -1.23 -2.62 -20.74
N ARG A 261 -0.31 -1.77 -21.18
CA ARG A 261 0.05 -0.57 -20.45
C ARG A 261 -0.47 0.65 -21.21
N GLY A 262 -1.07 1.60 -20.49
CA GLY A 262 -1.58 2.81 -21.10
C GLY A 262 -0.49 3.70 -21.67
N LEU A 263 0.14 4.49 -20.81
CA LEU A 263 1.17 5.45 -21.23
C LEU A 263 2.32 4.79 -22.00
N ASP A 264 2.74 5.42 -23.08
CA ASP A 264 3.74 4.82 -23.97
C ASP A 264 5.19 5.12 -23.61
N TYR A 265 5.47 5.43 -22.35
CA TYR A 265 6.87 5.46 -21.91
C TYR A 265 7.24 4.17 -21.22
N TYR A 266 6.24 3.32 -21.03
CA TYR A 266 6.47 1.95 -20.57
C TYR A 266 7.02 1.12 -21.71
N VAL A 267 8.13 0.42 -21.45
CA VAL A 267 8.73 -0.45 -22.44
C VAL A 267 9.15 -1.78 -21.82
N ARG A 268 9.28 -2.80 -22.65
CA ARG A 268 9.73 -4.12 -22.19
C ARG A 268 8.86 -4.71 -21.08
N THR A 269 9.50 -5.10 -19.97
CA THR A 269 8.84 -5.83 -18.89
C THR A 269 7.61 -5.16 -18.30
N ALA A 270 6.51 -5.92 -18.22
CA ALA A 270 5.33 -5.50 -17.47
C ALA A 270 4.88 -6.68 -16.62
N PHE A 271 4.40 -6.39 -15.42
CA PHE A 271 3.98 -7.46 -14.52
C PHE A 271 2.91 -7.02 -13.52
N GLU A 272 2.11 -7.98 -13.07
CA GLU A 272 1.06 -7.72 -12.10
C GLU A 272 1.03 -8.86 -11.09
N VAL A 273 0.44 -8.62 -9.92
CA VAL A 273 0.18 -9.70 -8.97
C VAL A 273 -1.28 -9.64 -8.54
N HIS A 274 -1.98 -10.76 -8.65
CA HIS A 274 -3.40 -10.82 -8.36
C HIS A 274 -3.74 -11.70 -7.18
N HIS A 275 -4.91 -11.46 -6.60
CA HIS A 275 -5.43 -12.30 -5.53
C HIS A 275 -6.91 -12.55 -5.74
N GLU A 276 -7.36 -13.77 -5.45
CA GLU A 276 -8.77 -14.11 -5.56
C GLU A 276 -9.58 -13.42 -4.48
N GLU A 277 -10.90 -13.48 -4.62
CA GLU A 277 -11.81 -12.68 -3.80
C GLU A 277 -11.48 -11.19 -3.96
N ILE A 278 -11.71 -10.41 -2.90
CA ILE A 278 -11.44 -8.96 -2.91
C ILE A 278 -12.06 -8.16 -4.07
N GLY A 279 -12.97 -8.78 -4.81
CA GLY A 279 -13.72 -8.08 -5.84
C GLY A 279 -13.13 -8.14 -7.23
N ALA A 280 -13.77 -7.46 -8.17
CA ALA A 280 -13.34 -7.45 -9.57
C ALA A 280 -11.92 -6.93 -9.70
N GLN A 281 -11.67 -5.75 -9.14
CA GLN A 281 -10.33 -5.18 -9.11
C GLN A 281 -9.40 -6.09 -8.33
N SER A 282 -8.86 -7.10 -9.00
CA SER A 282 -8.11 -8.15 -8.34
C SER A 282 -6.60 -7.91 -8.35
N ALA A 283 -6.17 -6.78 -8.91
CA ALA A 283 -4.74 -6.46 -8.95
C ALA A 283 -4.28 -5.86 -7.63
N LEU A 284 -3.49 -6.64 -6.88
CA LEU A 284 -2.89 -6.19 -5.63
C LEU A 284 -1.82 -5.14 -5.90
N GLY A 285 -1.04 -5.38 -6.93
CA GLY A 285 0.04 -4.50 -7.31
C GLY A 285 0.57 -4.83 -8.69
N GLY A 286 1.32 -3.92 -9.27
CA GLY A 286 1.86 -4.12 -10.60
C GLY A 286 2.98 -3.14 -10.88
N GLY A 287 3.71 -3.38 -11.97
CA GLY A 287 4.79 -2.50 -12.34
C GLY A 287 5.44 -2.91 -13.64
N GLY A 288 6.67 -2.47 -13.83
CA GLY A 288 7.43 -2.81 -15.01
C GLY A 288 8.53 -1.82 -15.31
N ARG A 289 9.01 -1.87 -16.56
CA ARG A 289 10.11 -1.04 -17.03
C ARG A 289 9.60 0.18 -17.78
N TYR A 290 10.33 1.27 -17.65
CA TYR A 290 10.03 2.51 -18.35
C TYR A 290 11.31 3.16 -18.83
N ASP A 291 11.17 3.95 -19.89
CA ASP A 291 12.28 4.60 -20.55
C ASP A 291 11.71 5.73 -21.38
N GLY A 292 12.01 6.97 -21.00
CA GLY A 292 11.45 8.13 -21.67
C GLY A 292 10.81 9.08 -20.68
N LEU A 293 10.53 8.58 -19.49
CA LEU A 293 9.88 9.35 -18.43
C LEU A 293 10.67 10.58 -18.02
N SER A 294 11.96 10.38 -17.74
CA SER A 294 12.83 11.46 -17.26
C SER A 294 13.07 12.56 -18.30
N GLU A 295 12.92 12.22 -19.58
CA GLU A 295 13.06 13.21 -20.65
C GLU A 295 11.86 14.14 -20.71
N LEU A 296 10.67 13.59 -20.52
CA LEU A 296 9.46 14.40 -20.41
C LEU A 296 9.51 15.27 -19.16
N LEU A 297 10.31 14.83 -18.18
CA LEU A 297 10.54 15.60 -16.96
C LEU A 297 11.69 16.60 -17.17
N GLY A 298 12.26 16.58 -18.38
CA GLY A 298 13.24 17.57 -18.77
C GLY A 298 14.69 17.16 -18.54
N GLY A 299 14.90 15.91 -18.12
CA GLY A 299 16.24 15.42 -17.85
C GLY A 299 16.79 14.56 -18.97
N PRO A 300 17.89 13.86 -18.70
CA PRO A 300 18.51 12.93 -19.66
C PRO A 300 17.83 11.58 -19.61
N ARG A 301 18.49 10.56 -20.18
CA ARG A 301 17.93 9.22 -20.22
C ARG A 301 18.25 8.44 -18.94
N VAL A 302 17.21 8.16 -18.18
CA VAL A 302 17.34 7.34 -16.98
C VAL A 302 16.39 6.16 -17.13
N PRO A 303 16.94 4.96 -17.39
CA PRO A 303 16.09 3.78 -17.47
C PRO A 303 15.58 3.44 -16.07
N GLY A 304 14.36 2.91 -16.00
CA GLY A 304 13.80 2.52 -14.72
C GLY A 304 12.98 1.25 -14.72
N VAL A 305 12.93 0.59 -13.56
CA VAL A 305 11.99 -0.51 -13.40
C VAL A 305 11.44 -0.42 -11.99
N GLY A 306 10.15 -0.64 -11.83
CA GLY A 306 9.59 -0.53 -10.50
C GLY A 306 8.15 -0.94 -10.38
N PHE A 307 7.65 -1.02 -9.15
CA PHE A 307 6.28 -1.46 -8.92
C PHE A 307 5.56 -0.64 -7.87
N ALA A 308 4.24 -0.75 -7.87
CA ALA A 308 3.41 -0.14 -6.84
C ALA A 308 2.31 -1.11 -6.44
N PHE A 309 1.99 -1.16 -5.16
CA PHE A 309 0.84 -1.95 -4.71
C PHE A 309 -0.06 -1.20 -3.73
N GLY A 310 -1.31 -1.64 -3.64
CA GLY A 310 -2.31 -0.98 -2.81
C GLY A 310 -2.46 -1.59 -1.44
N VAL A 311 -2.16 -0.81 -0.41
CA VAL A 311 -2.24 -1.27 0.98
C VAL A 311 -3.64 -1.77 1.35
N GLU A 312 -4.66 -1.08 0.84
CA GLU A 312 -6.05 -1.48 1.07
C GLU A 312 -6.35 -2.87 0.51
N ARG A 313 -6.02 -3.09 -0.76
CA ARG A 313 -6.30 -4.37 -1.41
C ARG A 313 -5.53 -5.51 -0.76
N VAL A 314 -4.33 -5.21 -0.28
CA VAL A 314 -3.54 -6.19 0.46
C VAL A 314 -4.20 -6.50 1.81
N ALA A 315 -4.81 -5.49 2.43
CA ALA A 315 -5.55 -5.72 3.67
C ALA A 315 -6.74 -6.65 3.41
N LEU A 316 -7.48 -6.35 2.35
CA LEU A 316 -8.60 -7.18 1.91
C LEU A 316 -8.16 -8.62 1.67
N ALA A 317 -7.01 -8.78 1.01
CA ALA A 317 -6.47 -10.11 0.72
C ALA A 317 -6.09 -10.84 2.00
N LEU A 318 -5.54 -10.11 2.96
CA LEU A 318 -5.10 -10.69 4.22
C LEU A 318 -6.29 -11.17 5.04
N GLU A 319 -7.37 -10.40 5.05
CA GLU A 319 -8.58 -10.83 5.75
C GLU A 319 -9.22 -12.01 5.02
N ALA A 320 -9.15 -11.98 3.69
CA ALA A 320 -9.72 -13.06 2.87
C ALA A 320 -9.06 -14.40 3.19
N GLU A 321 -7.79 -14.36 3.58
CA GLU A 321 -7.05 -15.58 3.88
C GLU A 321 -6.97 -15.88 5.38
N GLY A 322 -7.73 -15.12 6.17
CA GLY A 322 -7.89 -15.46 7.58
C GLY A 322 -6.87 -14.88 8.53
N PHE A 323 -5.98 -14.02 8.04
CA PHE A 323 -4.99 -13.39 8.91
C PHE A 323 -5.59 -12.22 9.67
N GLY A 324 -5.57 -12.32 11.00
CA GLY A 324 -6.07 -11.27 11.86
C GLY A 324 -4.97 -10.68 12.72
N LEU A 325 -5.30 -9.65 13.49
CA LEU A 325 -4.32 -9.01 14.34
C LEU A 325 -4.46 -9.45 15.80
N PRO A 326 -3.32 -9.79 16.44
CA PRO A 326 -3.28 -10.05 17.87
C PRO A 326 -3.95 -8.92 18.63
N GLU A 327 -4.77 -9.27 19.63
CA GLU A 327 -5.60 -8.31 20.35
C GLU A 327 -4.83 -7.12 20.92
N GLU A 328 -5.38 -5.92 20.75
CA GLU A 328 -4.76 -4.68 21.21
C GLU A 328 -4.50 -4.62 22.71
N LYS A 329 -3.23 -4.38 23.07
CA LYS A 329 -2.82 -4.33 24.47
C LYS A 329 -3.51 -3.20 25.23
N GLY A 330 -4.05 -3.53 26.40
CA GLY A 330 -4.70 -2.56 27.24
C GLY A 330 -3.74 -1.94 28.24
N PRO A 331 -4.17 -0.88 28.93
CA PRO A 331 -3.32 -0.16 29.89
C PRO A 331 -2.76 -1.06 30.98
N ASP A 332 -1.62 -0.66 31.53
CA ASP A 332 -0.98 -1.42 32.59
C ASP A 332 -1.69 -1.16 33.91
N LEU A 333 -2.33 0.00 34.00
CA LEU A 333 -3.06 0.38 35.20
C LEU A 333 -4.26 1.28 34.88
N TYR A 334 -5.41 0.95 35.44
CA TYR A 334 -6.61 1.77 35.30
C TYR A 334 -7.11 2.22 36.68
N LEU A 335 -7.06 3.53 36.91
CA LEU A 335 -7.40 4.09 38.20
C LEU A 335 -8.89 4.43 38.30
N ILE A 336 -9.47 4.06 39.43
CA ILE A 336 -10.89 4.24 39.70
C ILE A 336 -11.02 5.10 40.95
N PRO A 337 -11.43 6.36 40.78
CA PRO A 337 -11.69 7.26 41.90
C PRO A 337 -13.09 7.01 42.46
N LEU A 338 -13.18 6.88 43.78
CA LEU A 338 -14.46 6.58 44.42
C LEU A 338 -15.16 7.86 44.85
N THR A 339 -14.39 8.92 45.08
CA THR A 339 -14.94 10.19 45.52
C THR A 339 -14.54 11.34 44.60
N GLU A 340 -15.16 12.50 44.83
CA GLU A 340 -14.95 13.68 44.01
C GLU A 340 -13.49 14.13 44.00
N GLU A 341 -12.90 14.24 45.18
CA GLU A 341 -11.55 14.75 45.33
C GLU A 341 -10.47 13.74 44.94
N ALA A 342 -10.87 12.49 44.76
CA ALA A 342 -9.92 11.44 44.39
C ALA A 342 -9.53 11.53 42.93
N VAL A 343 -10.45 11.98 42.08
CA VAL A 343 -10.24 12.11 40.64
C VAL A 343 -8.89 12.76 40.34
N ALA A 344 -8.72 14.00 40.78
CA ALA A 344 -7.47 14.73 40.62
C ALA A 344 -6.29 13.91 41.08
N GLU A 345 -6.41 13.30 42.25
CA GLU A 345 -5.34 12.47 42.79
C GLU A 345 -4.97 11.37 41.80
N ALA A 346 -5.98 10.66 41.30
CA ALA A 346 -5.76 9.62 40.29
C ALA A 346 -4.93 10.23 39.17
N PHE A 347 -5.39 11.37 38.66
CA PHE A 347 -4.71 12.09 37.59
C PHE A 347 -3.23 12.20 37.95
N TYR A 348 -2.97 12.81 39.10
CA TYR A 348 -1.60 13.02 39.56
C TYR A 348 -0.83 11.70 39.53
N LEU A 349 -1.42 10.67 40.14
CA LEU A 349 -0.77 9.37 40.23
C LEU A 349 -0.45 8.85 38.83
N ALA A 350 -1.42 8.95 37.94
CA ALA A 350 -1.24 8.47 36.58
C ALA A 350 -0.05 9.17 35.96
N GLU A 351 0.04 10.49 36.19
CA GLU A 351 1.11 11.28 35.63
C GLU A 351 2.47 10.88 36.19
N ALA A 352 2.48 10.41 37.42
CA ALA A 352 3.72 9.97 38.04
C ALA A 352 4.23 8.71 37.35
N LEU A 353 3.31 7.98 36.71
CA LEU A 353 3.64 6.67 36.17
C LEU A 353 3.95 6.65 34.67
N ARG A 354 3.53 7.70 33.96
CA ARG A 354 3.70 7.78 32.51
C ARG A 354 5.05 8.38 32.13
N PRO A 355 5.53 8.10 30.90
CA PRO A 355 4.98 7.13 29.94
C PRO A 355 5.72 5.81 30.05
N ARG A 356 6.43 5.58 31.15
CA ARG A 356 7.09 4.31 31.41
C ARG A 356 6.05 3.21 31.45
N LEU A 357 4.92 3.52 32.08
CA LEU A 357 3.76 2.65 32.07
C LEU A 357 2.64 3.33 31.33
N ARG A 358 1.70 2.54 30.82
CA ARG A 358 0.44 3.10 30.34
C ARG A 358 -0.58 3.08 31.47
N ALA A 359 -0.98 4.27 31.91
CA ALA A 359 -1.90 4.42 33.03
C ALA A 359 -3.03 5.37 32.69
N GLU A 360 -4.27 4.91 32.87
CA GLU A 360 -5.43 5.74 32.58
C GLU A 360 -6.26 5.88 33.85
N TYR A 361 -7.29 6.73 33.80
CA TYR A 361 -8.10 7.01 34.97
C TYR A 361 -9.50 7.47 34.57
N ALA A 362 -10.48 7.19 35.43
CA ALA A 362 -11.84 7.66 35.20
C ALA A 362 -11.95 9.13 35.59
N LEU A 363 -12.72 9.89 34.83
CA LEU A 363 -12.80 11.34 35.02
C LEU A 363 -13.90 11.75 36.01
N ALA A 364 -14.63 10.76 36.52
CA ALA A 364 -15.70 11.02 37.46
C ALA A 364 -15.78 9.88 38.48
N PRO A 365 -16.32 10.15 39.68
CA PRO A 365 -16.45 9.11 40.70
C PRO A 365 -17.25 7.90 40.20
N ARG A 366 -16.71 6.71 40.39
CA ARG A 366 -17.37 5.48 39.96
C ARG A 366 -17.62 4.56 41.14
N LYS A 367 -18.77 3.88 41.12
CA LYS A 367 -18.99 2.79 42.05
C LYS A 367 -17.96 1.71 41.71
N PRO A 368 -17.30 1.16 42.73
CA PRO A 368 -16.16 0.24 42.58
C PRO A 368 -16.39 -0.89 41.57
N ALA A 369 -17.59 -1.45 41.55
CA ALA A 369 -17.93 -2.54 40.64
C ALA A 369 -17.98 -2.05 39.19
N LYS A 370 -18.58 -0.88 38.99
CA LYS A 370 -18.71 -0.30 37.66
C LYS A 370 -17.33 0.05 37.09
N GLY A 371 -16.46 0.58 37.95
CA GLY A 371 -15.10 0.90 37.56
C GLY A 371 -14.29 -0.34 37.27
N LEU A 372 -14.48 -1.37 38.10
CA LEU A 372 -13.84 -2.66 37.90
C LEU A 372 -14.22 -3.22 36.53
N GLU A 373 -15.49 -3.08 36.20
CA GLU A 373 -16.03 -3.52 34.92
C GLU A 373 -15.43 -2.73 33.76
N GLU A 374 -15.33 -1.41 33.93
CA GLU A 374 -14.74 -0.56 32.91
C GLU A 374 -13.25 -0.86 32.71
N ALA A 375 -12.63 -1.41 33.75
CA ALA A 375 -11.23 -1.82 33.66
C ALA A 375 -11.08 -3.15 32.93
N LEU A 376 -12.00 -4.08 33.21
CA LEU A 376 -11.98 -5.38 32.54
C LEU A 376 -12.31 -5.23 31.05
N LYS A 377 -13.21 -4.31 30.75
CA LYS A 377 -13.62 -4.04 29.38
C LYS A 377 -12.47 -3.49 28.55
N ARG A 378 -11.66 -2.63 29.17
CA ARG A 378 -10.51 -2.04 28.50
C ARG A 378 -9.29 -2.95 28.55
N GLY A 379 -9.45 -4.11 29.19
CA GLY A 379 -8.40 -5.10 29.25
C GLY A 379 -7.15 -4.64 29.98
N ALA A 380 -7.34 -4.12 31.19
CA ALA A 380 -6.23 -3.65 32.00
C ALA A 380 -5.62 -4.78 32.83
N ALA A 381 -4.37 -4.60 33.24
CA ALA A 381 -3.68 -5.59 34.05
C ALA A 381 -3.87 -5.31 35.53
N PHE A 382 -3.95 -4.03 35.89
CA PHE A 382 -4.17 -3.62 37.26
C PHE A 382 -5.31 -2.63 37.38
N ALA A 383 -6.12 -2.81 38.43
CA ALA A 383 -7.11 -1.81 38.79
C ALA A 383 -6.62 -1.07 40.03
N GLY A 384 -6.73 0.25 40.01
CA GLY A 384 -6.38 1.05 41.16
C GLY A 384 -7.64 1.58 41.81
N PHE A 385 -7.70 1.53 43.14
CA PHE A 385 -8.85 2.09 43.84
C PHE A 385 -8.40 3.25 44.70
N LEU A 386 -9.05 4.39 44.50
CA LEU A 386 -8.84 5.58 45.32
C LEU A 386 -10.14 6.06 45.93
N GLY A 387 -10.35 5.73 47.21
CA GLY A 387 -11.45 6.27 47.98
C GLY A 387 -10.93 7.19 49.07
N GLU A 388 -11.78 7.54 50.04
CA GLU A 388 -11.37 8.38 51.16
C GLU A 388 -10.39 7.66 52.11
N ASP A 389 -10.46 6.33 52.16
CA ASP A 389 -9.51 5.56 52.95
C ASP A 389 -8.08 5.76 52.44
N GLU A 390 -7.91 5.45 51.15
CA GLU A 390 -6.63 5.63 50.47
C GLU A 390 -6.14 7.07 50.54
N LEU A 391 -7.02 8.00 50.17
CA LEU A 391 -6.70 9.43 50.20
C LEU A 391 -6.25 9.86 51.59
N ARG A 392 -6.85 9.27 52.62
CA ARG A 392 -6.55 9.67 53.99
C ARG A 392 -5.22 9.09 54.47
N ALA A 393 -4.87 7.90 53.96
CA ALA A 393 -3.61 7.30 54.35
C ALA A 393 -2.50 7.59 53.34
N GLY A 394 -2.86 8.38 52.32
CA GLY A 394 -1.94 8.70 51.24
C GLY A 394 -1.52 7.43 50.53
N GLU A 395 -2.52 6.64 50.15
CA GLU A 395 -2.27 5.32 49.60
C GLU A 395 -3.13 5.03 48.37
N VAL A 396 -2.98 3.84 47.81
CA VAL A 396 -3.81 3.37 46.71
C VAL A 396 -4.07 1.88 46.90
N THR A 397 -5.18 1.40 46.35
CA THR A 397 -5.42 -0.04 46.35
C THR A 397 -5.10 -0.60 44.97
N LEU A 398 -4.47 -1.77 44.91
CA LEU A 398 -4.03 -2.33 43.63
C LEU A 398 -4.47 -3.77 43.45
N LYS A 399 -5.21 -4.02 42.38
CA LYS A 399 -5.75 -5.34 42.10
C LYS A 399 -5.22 -5.89 40.79
N ARG A 400 -4.46 -6.98 40.88
CA ARG A 400 -4.02 -7.71 39.70
C ARG A 400 -5.19 -8.53 39.16
N LEU A 401 -5.75 -8.09 38.04
CA LEU A 401 -6.99 -8.65 37.52
C LEU A 401 -6.87 -10.11 37.09
N ALA A 402 -5.68 -10.52 36.65
CA ALA A 402 -5.48 -11.88 36.18
C ALA A 402 -5.54 -12.92 37.30
N THR A 403 -5.14 -12.53 38.50
CA THR A 403 -5.10 -13.45 39.62
C THR A 403 -6.00 -13.03 40.78
N GLY A 404 -6.64 -11.88 40.64
CA GLY A 404 -7.58 -11.41 41.64
C GLY A 404 -6.93 -10.95 42.94
N GLU A 405 -5.60 -10.98 42.97
CA GLU A 405 -4.85 -10.54 44.14
C GLU A 405 -5.07 -9.05 44.35
N GLN A 406 -4.95 -8.61 45.61
CA GLN A 406 -5.12 -7.20 45.93
C GLN A 406 -4.20 -6.79 47.08
N VAL A 407 -3.48 -5.69 46.87
CA VAL A 407 -2.55 -5.17 47.87
C VAL A 407 -2.85 -3.69 48.12
N ARG A 408 -2.61 -3.21 49.35
CA ARG A 408 -2.83 -1.81 49.65
C ARG A 408 -1.49 -1.13 49.91
N LEU A 409 -1.14 -0.16 49.07
CA LEU A 409 0.21 0.39 49.07
C LEU A 409 0.26 1.90 49.32
N SER A 410 1.32 2.37 49.97
CA SER A 410 1.57 3.80 50.03
C SER A 410 1.86 4.27 48.62
N ARG A 411 1.49 5.51 48.30
CA ARG A 411 1.67 6.03 46.95
C ARG A 411 3.12 6.00 46.50
N GLU A 412 4.01 6.46 47.36
CA GLU A 412 5.43 6.58 47.04
C GLU A 412 6.16 5.24 46.89
N GLU A 413 5.43 4.14 47.08
CA GLU A 413 6.02 2.81 46.89
C GLU A 413 5.30 2.07 45.76
N VAL A 414 4.40 2.77 45.07
CA VAL A 414 3.64 2.19 43.97
C VAL A 414 4.43 1.96 42.67
N PRO A 415 5.16 2.98 42.17
CA PRO A 415 5.85 2.76 40.90
C PRO A 415 6.87 1.63 40.95
N GLY A 416 7.54 1.47 42.09
CA GLY A 416 8.47 0.38 42.26
C GLY A 416 7.75 -0.95 42.24
N TYR A 417 6.50 -0.94 42.71
CA TYR A 417 5.67 -2.14 42.75
C TYR A 417 5.25 -2.60 41.37
N LEU A 418 4.69 -1.69 40.57
CA LEU A 418 4.19 -2.05 39.23
C LEU A 418 5.31 -2.46 38.29
N LEU A 419 6.44 -1.75 38.38
CA LEU A 419 7.62 -2.07 37.59
C LEU A 419 8.06 -3.51 37.85
N GLN A 420 8.08 -3.89 39.12
CA GLN A 420 8.50 -5.22 39.51
C GLN A 420 7.44 -6.26 39.19
N ALA A 421 6.18 -5.82 39.16
CA ALA A 421 5.07 -6.72 38.88
C ALA A 421 4.93 -6.99 37.39
N LEU A 422 5.19 -5.99 36.57
CA LEU A 422 5.02 -6.12 35.12
C LEU A 422 6.36 -6.35 34.42
N GLY A 423 7.12 -7.31 34.92
CA GLY A 423 8.41 -7.65 34.33
C GLY A 423 8.64 -9.15 34.29
PG GTP B 1 -19.06 14.92 -5.67
O1G GTP B 1 -19.34 16.11 -4.83
O2G GTP B 1 -20.35 14.31 -6.18
O3G GTP B 1 -18.30 13.96 -4.84
O3B GTP B 1 -18.11 15.39 -6.87
PB GTP B 1 -17.67 14.34 -7.97
O1B GTP B 1 -16.67 14.90 -8.86
O2B GTP B 1 -17.12 13.18 -7.24
O3A GTP B 1 -18.95 13.95 -8.74
PA GTP B 1 -19.28 12.51 -9.22
O1A GTP B 1 -18.46 11.44 -8.58
O2A GTP B 1 -20.72 12.30 -8.94
O5' GTP B 1 -19.12 12.48 -10.85
C5' GTP B 1 -18.97 13.64 -11.55
C4' GTP B 1 -18.57 13.50 -13.01
O4' GTP B 1 -17.29 13.02 -13.11
C3' GTP B 1 -19.43 12.51 -13.65
O3' GTP B 1 -20.55 13.11 -14.18
C2' GTP B 1 -18.63 11.97 -14.65
O2' GTP B 1 -18.69 12.78 -15.85
C1' GTP B 1 -17.27 12.02 -14.09
N9 GTP B 1 -16.84 10.76 -13.51
C8 GTP B 1 -16.46 10.42 -12.33
N7 GTP B 1 -16.16 9.23 -12.26
C5 GTP B 1 -16.29 8.59 -13.39
C6 GTP B 1 -16.11 7.29 -13.87
O6 GTP B 1 -15.66 6.26 -13.02
N1 GTP B 1 -16.38 7.05 -15.17
C2 GTP B 1 -16.81 8.02 -16.03
N2 GTP B 1 -17.08 7.67 -17.40
N3 GTP B 1 -17.01 9.28 -15.60
C4 GTP B 1 -16.77 9.60 -14.33
P AMP C . -1.60 1.42 -10.75
O1P AMP C . -1.00 2.77 -10.40
O2P AMP C . -2.92 1.51 -11.46
O3P AMP C . -0.61 0.44 -11.32
O5' AMP C . -1.95 0.83 -9.31
C5' AMP C . -1.11 -0.13 -8.68
C4' AMP C . -1.81 -0.78 -7.52
O4' AMP C . -2.31 0.25 -6.63
C3' AMP C . -3.04 -1.60 -7.88
O3' AMP C . -2.74 -2.93 -8.24
C2' AMP C . -3.92 -1.48 -6.63
O2' AMP C . -3.51 -2.43 -5.65
C1' AMP C . -3.58 -0.08 -6.14
N9 AMP C . -4.55 0.93 -6.61
C8 AMP C . -4.49 1.58 -7.79
N7 AMP C . -5.51 2.45 -7.93
C5 AMP C . -6.26 2.37 -6.81
C6 AMP C . -7.49 3.02 -6.30
N6 AMP C . -8.15 3.96 -7.03
N1 AMP C . -7.93 2.66 -5.08
C2 AMP C . -7.28 1.74 -4.34
N3 AMP C . -6.17 1.11 -4.74
C4 AMP C . -5.62 1.37 -5.94
N HIS D . 1.00 1.50 -12.48
CA HIS D . 2.45 1.45 -12.68
C HIS D . 2.81 0.15 -13.36
O HIS D . 3.85 0.04 -14.01
CB HIS D . 3.17 1.59 -11.34
CG HIS D . 4.67 1.60 -11.45
ND1 HIS D . 5.33 1.66 -12.66
CD2 HIS D . 5.62 1.56 -10.50
CE1 HIS D . 6.62 1.65 -12.44
NE2 HIS D . 6.84 1.60 -11.14
OXT HIS D . 2.07 -0.83 -13.27
#